data_5NC1
#
_entry.id   5NC1
#
_cell.length_a   163.410
_cell.length_b   163.410
_cell.length_c   163.410
_cell.angle_alpha   90.00
_cell.angle_beta   90.00
_cell.angle_gamma   90.00
#
_symmetry.space_group_name_H-M   'I 21 3'
#
loop_
_entity.id
_entity.type
_entity.pdbx_description
1 polymer Fiber
2 non-polymer 2-acetamido-2-deoxy-beta-D-glucopyranose
3 non-polymer 'SULFATE ION'
4 non-polymer GLYCEROL
5 water water
#
_entity_poly.entity_id   1
_entity_poly.type   'polypeptide(L)'
_entity_poly.pdbx_seq_one_letter_code
;GSSHHHHHHSSGLVPRGSHMASMTGGQQMGRGSEFGALTAQGASFFTAAPLSYNTGNSTISLDYRSPQLRVSGGALALTS
PVFVYQTPFNTPMRLRNGTYNEYADAHIQMVRFGTTVLFNIDVTGETNATGTQTWELQFDGTLGSCLTGRMQVMGGTGEE
LDVTPTFILPTSDKSVYKQGFMPIVCSENGEFKQSTYCSYALTYRLGNFYITLKSTTSGCKPIFQMSFMYESQIGIV
;
_entity_poly.pdbx_strand_id   A,B,C
#
loop_
_chem_comp.id
_chem_comp.type
_chem_comp.name
_chem_comp.formula
GOL non-polymer GLYCEROL 'C3 H8 O3'
NAG D-saccharide, beta linking 2-acetamido-2-deoxy-beta-D-glucopyranose 'C8 H15 N O6'
SO4 non-polymer 'SULFATE ION' 'O4 S -2'
#
# COMPACT_ATOMS: atom_id res chain seq x y z
N PHE A 45 -21.34 -20.34 -34.54
CA PHE A 45 -20.63 -19.13 -33.99
C PHE A 45 -19.13 -19.40 -33.69
N PHE A 46 -18.39 -18.33 -33.44
CA PHE A 46 -16.96 -18.38 -33.09
C PHE A 46 -16.73 -17.68 -31.73
N THR A 47 -15.58 -17.92 -31.11
CA THR A 47 -15.18 -17.22 -29.88
C THR A 47 -13.89 -16.47 -30.11
N ALA A 48 -13.82 -15.23 -29.63
CA ALA A 48 -12.55 -14.52 -29.53
C ALA A 48 -11.96 -14.68 -28.11
N ALA A 49 -10.64 -14.82 -28.03
CA ALA A 49 -9.95 -14.90 -26.74
C ALA A 49 -10.32 -13.69 -25.89
N PRO A 50 -10.44 -13.85 -24.56
CA PRO A 50 -10.17 -15.00 -23.70
C PRO A 50 -11.28 -16.05 -23.62
N LEU A 51 -12.35 -15.91 -24.39
CA LEU A 51 -13.36 -16.96 -24.47
C LEU A 51 -12.82 -18.10 -25.33
N SER A 52 -13.33 -19.30 -25.14
CA SER A 52 -12.90 -20.47 -25.90
CA SER A 52 -12.90 -20.47 -25.91
C SER A 52 -14.02 -21.50 -26.07
N TYR A 53 -14.26 -21.90 -27.32
CA TYR A 53 -15.21 -22.97 -27.61
C TYR A 53 -14.46 -24.28 -27.86
N ASN A 54 -14.90 -25.34 -27.18
CA ASN A 54 -14.36 -26.69 -27.30
C ASN A 54 -15.38 -27.53 -28.10
N THR A 55 -15.09 -27.73 -29.39
CA THR A 55 -15.91 -28.61 -30.25
C THR A 55 -15.97 -30.06 -29.76
N GLY A 56 -14.91 -30.51 -29.07
CA GLY A 56 -14.85 -31.83 -28.44
C GLY A 56 -16.00 -32.13 -27.50
N ASN A 57 -16.24 -31.27 -26.52
CA ASN A 57 -17.38 -31.45 -25.61
C ASN A 57 -18.43 -30.34 -25.76
N SER A 58 -18.32 -29.55 -26.84
CA SER A 58 -19.33 -28.56 -27.19
C SER A 58 -19.52 -27.59 -26.04
N THR A 59 -18.40 -27.11 -25.49
CA THR A 59 -18.43 -26.30 -24.27
C THR A 59 -17.75 -24.96 -24.51
N ILE A 60 -18.41 -23.88 -24.13
CA ILE A 60 -17.79 -22.55 -24.13
C ILE A 60 -17.30 -22.20 -22.71
N SER A 61 -16.09 -21.66 -22.65
CA SER A 61 -15.37 -21.39 -21.39
C SER A 61 -14.72 -20.02 -21.41
N LEU A 62 -14.43 -19.49 -20.21
CA LEU A 62 -13.50 -18.36 -20.07
C LEU A 62 -12.13 -18.87 -19.61
N ASP A 63 -11.10 -18.57 -20.40
CA ASP A 63 -9.71 -18.83 -19.98
C ASP A 63 -9.25 -17.66 -19.16
N TYR A 64 -8.64 -17.95 -18.00
CA TYR A 64 -8.10 -16.89 -17.13
C TYR A 64 -6.81 -17.36 -16.45
N ARG A 65 -5.96 -16.38 -16.09
CA ARG A 65 -4.70 -16.66 -15.36
C ARG A 65 -5.03 -16.94 -13.92
N SER A 66 -4.82 -18.18 -13.47
CA SER A 66 -5.27 -18.58 -12.12
C SER A 66 -4.59 -17.90 -10.94
N PRO A 67 -3.32 -17.48 -11.06
CA PRO A 67 -2.78 -16.69 -9.94
C PRO A 67 -3.32 -15.26 -9.82
N GLN A 68 -4.12 -14.81 -10.79
CA GLN A 68 -4.72 -13.49 -10.78
C GLN A 68 -6.24 -13.49 -10.69
N LEU A 69 -6.88 -14.46 -11.33
CA LEU A 69 -8.33 -14.62 -11.25
C LEU A 69 -8.73 -16.01 -10.77
N ARG A 70 -10.00 -16.15 -10.39
CA ARG A 70 -10.53 -17.39 -9.86
C ARG A 70 -12.05 -17.45 -9.97
N VAL A 71 -12.60 -18.61 -9.62
CA VAL A 71 -14.05 -18.78 -9.53
C VAL A 71 -14.46 -19.04 -8.07
N SER A 72 -15.45 -18.28 -7.62
CA SER A 72 -15.99 -18.34 -6.27
C SER A 72 -17.47 -18.61 -6.38
N GLY A 73 -17.89 -19.85 -6.06
CA GLY A 73 -19.29 -20.23 -6.15
C GLY A 73 -19.90 -19.97 -7.52
N GLY A 74 -19.15 -20.37 -8.55
CA GLY A 74 -19.54 -20.20 -9.94
C GLY A 74 -19.34 -18.84 -10.57
N ALA A 75 -18.81 -17.87 -9.80
CA ALA A 75 -18.63 -16.48 -10.27
C ALA A 75 -17.17 -16.11 -10.35
N LEU A 76 -16.83 -15.30 -11.36
CA LEU A 76 -15.48 -14.78 -11.52
C LEU A 76 -15.14 -13.83 -10.37
N ALA A 77 -13.94 -13.99 -9.83
CA ALA A 77 -13.42 -13.12 -8.78
C ALA A 77 -11.92 -12.93 -8.99
N LEU A 78 -11.29 -12.14 -8.12
CA LEU A 78 -9.84 -11.91 -8.15
C LEU A 78 -9.17 -12.77 -7.09
N THR A 79 -7.91 -13.16 -7.34
CA THR A 79 -7.18 -13.94 -6.35
CA THR A 79 -7.19 -13.93 -6.30
C THR A 79 -6.73 -13.00 -5.20
N SER A 80 -6.44 -11.74 -5.56
CA SER A 80 -5.91 -10.72 -4.63
C SER A 80 -6.60 -9.36 -4.83
N PRO A 81 -7.88 -9.31 -4.49
CA PRO A 81 -8.63 -8.07 -4.59
C PRO A 81 -8.21 -7.06 -3.51
N VAL A 82 -8.24 -5.78 -3.87
CA VAL A 82 -8.10 -4.69 -2.92
C VAL A 82 -9.48 -4.38 -2.32
N PHE A 83 -9.56 -4.40 -1.00
CA PHE A 83 -10.74 -3.87 -0.28
C PHE A 83 -10.25 -2.80 0.70
N VAL A 84 -11.04 -1.73 0.87
CA VAL A 84 -10.80 -0.72 1.86
C VAL A 84 -12.01 -0.55 2.80
N TYR A 85 -11.77 -0.62 4.10
CA TYR A 85 -12.77 -0.33 5.14
C TYR A 85 -12.34 1.00 5.74
N GLN A 86 -13.20 2.00 5.61
CA GLN A 86 -12.84 3.38 5.93
C GLN A 86 -13.96 4.18 6.55
N THR A 87 -13.58 5.27 7.19
CA THR A 87 -14.54 6.31 7.58
C THR A 87 -15.07 6.93 6.29
N PRO A 88 -16.37 7.30 6.23
CA PRO A 88 -16.86 7.86 4.95
C PRO A 88 -16.23 9.21 4.60
N PHE A 89 -16.24 9.57 3.32
CA PHE A 89 -15.71 10.83 2.83
C PHE A 89 -16.24 11.94 3.71
N ASN A 90 -15.35 12.78 4.22
CA ASN A 90 -15.74 13.92 5.05
C ASN A 90 -16.67 13.57 6.24
N THR A 91 -16.49 12.36 6.78
CA THR A 91 -17.28 11.89 7.91
C THR A 91 -16.32 11.23 8.89
N PRO A 92 -15.44 12.05 9.47
CA PRO A 92 -14.54 11.50 10.44
C PRO A 92 -15.28 11.02 11.69
N MET A 93 -14.66 10.04 12.33
CA MET A 93 -15.18 9.43 13.52
C MET A 93 -14.76 10.27 14.74
N ARG A 94 -15.66 10.35 15.72
CA ARG A 94 -15.36 10.97 16.99
C ARG A 94 -14.74 9.93 17.93
N LEU A 95 -13.59 10.27 18.48
CA LEU A 95 -12.90 9.41 19.44
C LEU A 95 -12.67 10.15 20.74
N ARG A 96 -12.86 9.44 21.85
CA ARG A 96 -12.72 9.98 23.19
C ARG A 96 -11.52 9.33 23.87
N ASN A 97 -10.69 10.16 24.52
CA ASN A 97 -9.51 9.73 25.23
C ASN A 97 -9.91 9.15 26.58
N GLY A 98 -10.29 7.87 26.56
CA GLY A 98 -10.62 7.15 27.79
C GLY A 98 -11.79 7.82 28.46
N THR A 99 -11.65 8.04 29.76
CA THR A 99 -12.69 8.71 30.52
C THR A 99 -12.48 10.21 30.58
N TYR A 100 -11.38 10.72 30.01
CA TYR A 100 -11.13 12.15 30.06
C TYR A 100 -12.13 12.86 29.15
N ASN A 101 -12.38 14.13 29.46
CA ASN A 101 -13.19 15.00 28.63
C ASN A 101 -12.35 15.56 27.48
N GLU A 102 -11.83 14.67 26.65
CA GLU A 102 -10.90 15.02 25.58
C GLU A 102 -11.27 14.18 24.38
N TYR A 103 -11.38 14.83 23.23
CA TYR A 103 -11.85 14.23 22.01
C TYR A 103 -10.92 14.53 20.81
N ALA A 104 -11.10 13.74 19.75
CA ALA A 104 -10.41 13.94 18.50
C ALA A 104 -11.36 13.55 17.39
N ASP A 105 -11.13 14.09 16.20
CA ASP A 105 -11.75 13.54 14.99
C ASP A 105 -10.77 12.62 14.31
N ALA A 106 -11.23 11.52 13.73
CA ALA A 106 -10.35 10.57 13.06
C ALA A 106 -10.85 10.14 11.71
N HIS A 107 -10.04 10.32 10.68
CA HIS A 107 -10.23 9.60 9.42
C HIS A 107 -9.38 8.32 9.44
N ILE A 108 -10.01 7.20 9.08
CA ILE A 108 -9.36 5.88 9.12
C ILE A 108 -9.52 5.18 7.80
N GLN A 109 -8.43 4.63 7.27
CA GLN A 109 -8.50 3.68 6.15
C GLN A 109 -7.76 2.40 6.54
N MET A 110 -8.42 1.27 6.30
CA MET A 110 -7.88 -0.05 6.55
C MET A 110 -7.86 -0.75 5.21
N VAL A 111 -6.70 -0.75 4.58
CA VAL A 111 -6.55 -1.19 3.20
C VAL A 111 -6.04 -2.63 3.17
N ARG A 112 -6.81 -3.53 2.56
CA ARG A 112 -6.51 -4.93 2.52
C ARG A 112 -5.95 -5.27 1.14
N PHE A 113 -4.76 -5.86 1.12
CA PHE A 113 -4.17 -6.42 -0.09
C PHE A 113 -3.43 -7.72 0.24
N GLY A 114 -3.61 -8.73 -0.61
CA GLY A 114 -3.18 -10.07 -0.25
C GLY A 114 -3.80 -10.38 1.10
N THR A 115 -2.95 -10.75 2.07
CA THR A 115 -3.35 -11.08 3.44
C THR A 115 -2.90 -10.02 4.45
N THR A 116 -2.58 -8.83 3.96
CA THR A 116 -2.06 -7.75 4.77
C THR A 116 -3.07 -6.61 4.89
N VAL A 117 -3.12 -5.98 6.06
CA VAL A 117 -3.91 -4.79 6.29
C VAL A 117 -2.98 -3.63 6.59
N LEU A 118 -3.10 -2.58 5.79
CA LEU A 118 -2.43 -1.32 6.01
C LEU A 118 -3.43 -0.41 6.70
N PHE A 119 -3.19 -0.16 7.97
CA PHE A 119 -4.00 0.73 8.80
C PHE A 119 -3.43 2.12 8.74
N ASN A 120 -4.23 3.08 8.30
CA ASN A 120 -3.84 4.49 8.33
C ASN A 120 -4.85 5.31 9.14
N ILE A 121 -4.36 6.20 10.00
CA ILE A 121 -5.26 7.05 10.76
C ILE A 121 -4.79 8.49 10.78
N ASP A 122 -5.75 9.39 10.62
CA ASP A 122 -5.53 10.78 10.72
C ASP A 122 -6.26 11.28 11.95
N VAL A 123 -5.50 11.63 13.00
CA VAL A 123 -6.06 12.04 14.28
C VAL A 123 -5.93 13.55 14.44
N THR A 124 -7.06 14.21 14.72
CA THR A 124 -7.04 15.65 15.02
C THR A 124 -7.64 15.88 16.40
N GLY A 125 -6.79 15.89 17.41
CA GLY A 125 -7.18 16.19 18.79
C GLY A 125 -7.53 17.66 18.98
N GLU A 126 -8.26 17.94 20.05
CA GLU A 126 -8.73 19.28 20.35
C GLU A 126 -8.26 19.85 21.66
N THR A 127 -7.68 19.03 22.54
CA THR A 127 -7.17 19.51 23.81
C THR A 127 -5.67 19.40 23.90
N ASN A 128 -5.01 20.54 24.14
CA ASN A 128 -3.59 20.59 24.50
C ASN A 128 -3.36 19.76 25.71
N ALA A 129 -2.38 18.86 25.63
CA ALA A 129 -2.20 17.87 26.68
C ALA A 129 -0.75 17.49 26.88
N THR A 130 -0.45 17.10 28.12
CA THR A 130 0.82 16.52 28.50
C THR A 130 0.50 15.19 29.18
N GLY A 131 0.91 14.10 28.55
CA GLY A 131 0.54 12.75 29.01
C GLY A 131 0.39 11.86 27.80
N THR A 132 -0.27 10.73 28.02
CA THR A 132 -0.54 9.76 26.98
C THR A 132 -2.04 9.58 26.83
N GLN A 133 -2.54 9.72 25.60
CA GLN A 133 -3.96 9.57 25.29
C GLN A 133 -4.18 8.16 24.77
N THR A 134 -5.35 7.61 25.10
CA THR A 134 -5.77 6.30 24.61
C THR A 134 -6.95 6.42 23.66
N TRP A 135 -6.73 6.01 22.41
CA TRP A 135 -7.75 5.99 21.39
C TRP A 135 -8.04 4.51 21.10
N GLU A 136 -9.21 4.02 21.52
CA GLU A 136 -9.56 2.64 21.29
C GLU A 136 -10.66 2.42 20.24
N LEU A 137 -10.34 1.60 19.25
CA LEU A 137 -11.28 1.20 18.21
C LEU A 137 -11.73 -0.23 18.49
N GLN A 138 -13.04 -0.44 18.44
CA GLN A 138 -13.63 -1.77 18.69
C GLN A 138 -14.44 -2.25 17.46
N PHE A 139 -14.21 -3.50 17.09
CA PHE A 139 -14.82 -4.13 15.93
C PHE A 139 -15.50 -5.43 16.36
N ASP A 140 -16.64 -5.74 15.75
CA ASP A 140 -17.29 -7.05 15.95
C ASP A 140 -16.29 -8.17 15.65
N GLY A 141 -16.14 -9.11 16.58
CA GLY A 141 -15.10 -10.14 16.50
C GLY A 141 -15.31 -11.24 15.45
N THR A 142 -16.52 -11.29 14.88
CA THR A 142 -16.91 -12.19 13.82
C THR A 142 -17.11 -11.51 12.48
N LEU A 143 -17.78 -10.37 12.46
CA LEU A 143 -18.13 -9.66 11.23
C LEU A 143 -17.15 -8.55 10.84
N GLY A 144 -16.37 -8.05 11.80
CA GLY A 144 -15.43 -6.93 11.55
C GLY A 144 -16.03 -5.51 11.61
N SER A 145 -17.37 -5.39 11.67
CA SER A 145 -18.07 -4.10 11.75
C SER A 145 -17.54 -3.23 12.90
N CYS A 146 -17.21 -1.98 12.60
CA CYS A 146 -16.74 -1.06 13.60
C CYS A 146 -17.91 -0.64 14.49
N LEU A 147 -17.71 -0.76 15.78
CA LEU A 147 -18.69 -0.39 16.79
C LEU A 147 -18.40 0.98 17.40
N THR A 148 -17.18 1.47 17.23
CA THR A 148 -16.77 2.75 17.80
C THR A 148 -17.29 3.94 16.96
N GLY A 149 -17.51 3.71 15.67
CA GLY A 149 -17.99 4.74 14.75
C GLY A 149 -18.33 4.16 13.39
N ARG A 150 -18.87 4.99 12.50
CA ARG A 150 -19.31 4.55 11.18
C ARG A 150 -18.14 4.35 10.23
N MET A 151 -18.07 3.13 9.69
CA MET A 151 -17.12 2.77 8.65
C MET A 151 -17.85 1.96 7.60
N GLN A 152 -17.39 2.07 6.35
CA GLN A 152 -17.94 1.37 5.19
C GLN A 152 -16.84 0.76 4.34
N VAL A 153 -17.20 -0.34 3.66
CA VAL A 153 -16.35 -0.88 2.62
C VAL A 153 -16.60 -0.02 1.38
N MET A 154 -15.54 0.55 0.82
CA MET A 154 -15.61 1.56 -0.23
C MET A 154 -14.84 1.07 -1.46
N GLY A 155 -15.51 0.98 -2.61
CA GLY A 155 -14.88 0.58 -3.84
C GLY A 155 -14.15 1.73 -4.49
N GLY A 156 -13.34 1.44 -5.49
CA GLY A 156 -12.61 2.47 -6.27
C GLY A 156 -13.52 3.42 -7.05
N THR A 157 -14.71 2.92 -7.34
CA THR A 157 -15.81 3.68 -7.89
C THR A 157 -16.27 4.86 -7.06
N GLY A 158 -15.99 4.84 -5.76
CA GLY A 158 -16.55 5.81 -4.81
C GLY A 158 -17.86 5.35 -4.16
N GLU A 159 -18.38 4.17 -4.53
CA GLU A 159 -19.60 3.60 -3.96
C GLU A 159 -19.31 2.66 -2.80
N GLU A 160 -20.20 2.69 -1.80
CA GLU A 160 -20.17 1.70 -0.74
C GLU A 160 -20.46 0.30 -1.31
N LEU A 161 -19.72 -0.70 -0.83
CA LEU A 161 -19.90 -2.07 -1.25
C LEU A 161 -20.63 -2.84 -0.15
N ASP A 162 -21.56 -3.71 -0.55
CA ASP A 162 -22.32 -4.50 0.40
C ASP A 162 -21.50 -5.76 0.70
N VAL A 163 -20.58 -5.61 1.64
CA VAL A 163 -19.56 -6.59 1.96
C VAL A 163 -19.38 -6.58 3.46
N THR A 164 -19.34 -7.76 4.05
CA THR A 164 -19.11 -7.91 5.47
C THR A 164 -17.59 -7.74 5.67
N PRO A 165 -17.15 -6.76 6.47
CA PRO A 165 -15.69 -6.48 6.60
C PRO A 165 -14.90 -7.47 7.49
N THR A 166 -15.06 -8.77 7.28
CA THR A 166 -14.30 -9.79 8.03
C THR A 166 -12.78 -9.72 7.65
N PHE A 167 -12.47 -9.09 6.51
CA PHE A 167 -11.10 -8.99 6.00
C PHE A 167 -10.14 -8.11 6.82
N ILE A 168 -10.66 -7.36 7.80
CA ILE A 168 -9.79 -6.64 8.74
C ILE A 168 -9.46 -7.44 10.00
N LEU A 169 -10.11 -8.58 10.21
CA LEU A 169 -9.89 -9.32 11.45
C LEU A 169 -8.55 -10.04 11.33
N PRO A 170 -7.78 -10.11 12.44
CA PRO A 170 -6.51 -10.82 12.37
C PRO A 170 -6.65 -12.36 12.25
N THR A 171 -7.62 -12.94 12.93
CA THR A 171 -7.92 -14.38 12.93
C THR A 171 -9.40 -14.54 13.22
N SER A 172 -9.94 -15.75 13.07
CA SER A 172 -11.33 -16.03 13.50
C SER A 172 -11.40 -16.70 14.88
N ASP A 173 -10.55 -17.68 15.12
CA ASP A 173 -10.66 -18.50 16.34
C ASP A 173 -9.32 -18.77 17.05
N LYS A 174 -8.46 -17.77 17.08
CA LYS A 174 -7.19 -17.87 17.74
C LYS A 174 -6.96 -16.52 18.45
N SER A 175 -6.71 -16.57 19.77
CA SER A 175 -6.53 -15.34 20.54
C SER A 175 -5.22 -14.68 20.12
N VAL A 176 -5.25 -13.34 20.06
CA VAL A 176 -4.17 -12.58 19.44
C VAL A 176 -3.85 -11.38 20.29
N TYR A 177 -2.55 -11.12 20.46
CA TYR A 177 -2.07 -9.90 21.08
C TYR A 177 -0.80 -9.41 20.43
N LYS A 178 -0.82 -8.23 19.83
CA LYS A 178 0.35 -7.74 19.08
C LYS A 178 0.49 -6.23 19.35
N GLN A 179 1.69 -5.78 19.73
CA GLN A 179 1.93 -4.35 19.95
C GLN A 179 3.23 -3.87 19.36
N GLY A 180 3.24 -2.60 18.99
CA GLY A 180 4.41 -1.93 18.48
C GLY A 180 4.21 -0.44 18.60
N PHE A 181 5.24 0.31 18.25
CA PHE A 181 5.19 1.78 18.25
C PHE A 181 5.64 2.26 16.89
N MET A 182 5.13 3.44 16.51
CA MET A 182 5.56 4.18 15.34
C MET A 182 5.95 5.61 15.76
N PRO A 183 6.94 6.21 15.08
CA PRO A 183 7.20 7.63 15.30
C PRO A 183 6.11 8.51 14.64
N ILE A 184 5.78 9.61 15.29
CA ILE A 184 4.84 10.57 14.77
C ILE A 184 5.35 11.99 15.00
N VAL A 185 4.80 12.90 14.22
CA VAL A 185 5.00 14.33 14.43
C VAL A 185 3.67 15.03 14.68
N CYS A 186 3.50 15.56 15.89
CA CYS A 186 2.37 16.45 16.20
C CYS A 186 2.61 17.84 15.62
N SER A 187 1.59 18.38 14.95
CA SER A 187 1.60 19.73 14.40
C SER A 187 0.26 20.42 14.63
N GLU A 188 0.18 21.71 14.35
CA GLU A 188 -1.09 22.44 14.39
C GLU A 188 -1.06 23.60 13.39
N ASN A 189 -2.08 23.68 12.53
CA ASN A 189 -2.17 24.74 11.53
C ASN A 189 -0.86 24.90 10.76
N GLY A 190 -0.33 23.79 10.27
CA GLY A 190 0.87 23.81 9.46
C GLY A 190 2.17 24.07 10.20
N GLU A 191 2.11 24.14 11.53
CA GLU A 191 3.27 24.47 12.36
C GLU A 191 3.73 23.26 13.18
N PHE A 192 5.01 22.93 13.09
CA PHE A 192 5.59 21.81 13.87
C PHE A 192 5.37 22.02 15.37
N LYS A 193 4.95 20.97 16.09
CA LYS A 193 4.86 21.04 17.57
C LYS A 193 5.82 20.09 18.32
N GLN A 194 5.91 18.83 17.91
CA GLN A 194 6.68 17.83 18.66
C GLN A 194 6.91 16.56 17.82
N SER A 195 8.14 16.05 17.81
CA SER A 195 8.44 14.69 17.34
C SER A 195 8.27 13.72 18.51
N THR A 196 7.37 12.75 18.36
CA THR A 196 7.02 11.88 19.49
C THR A 196 6.62 10.51 18.95
N TYR A 197 5.81 9.76 19.67
CA TYR A 197 5.49 8.39 19.27
C TYR A 197 4.06 8.02 19.62
N CYS A 198 3.55 6.99 18.93
CA CYS A 198 2.23 6.43 19.18
C CYS A 198 2.38 4.90 19.16
N SER A 199 1.91 4.22 20.19
CA SER A 199 1.81 2.76 20.16
C SER A 199 0.53 2.27 19.47
N TYR A 200 0.59 1.07 18.93
CA TYR A 200 -0.60 0.36 18.49
C TYR A 200 -0.61 -1.01 19.18
N ALA A 201 -1.82 -1.49 19.44
CA ALA A 201 -2.04 -2.78 20.07
C ALA A 201 -3.29 -3.46 19.49
N LEU A 202 -3.12 -4.69 19.04
CA LEU A 202 -4.21 -5.54 18.50
C LEU A 202 -4.53 -6.56 19.58
N THR A 203 -5.76 -6.58 20.09
CA THR A 203 -6.17 -7.58 21.09
CA THR A 203 -6.18 -7.55 21.10
C THR A 203 -7.41 -8.30 20.59
N TYR A 204 -7.44 -9.64 20.77
CA TYR A 204 -8.62 -10.44 20.39
C TYR A 204 -8.59 -11.75 21.19
N ARG A 205 -9.70 -12.11 21.81
CA ARG A 205 -9.82 -13.41 22.46
C ARG A 205 -11.23 -13.96 22.30
N LEU A 206 -11.68 -13.91 21.06
CA LEU A 206 -12.97 -14.38 20.60
C LEU A 206 -14.16 -13.59 21.12
N GLY A 207 -13.97 -12.36 21.61
CA GLY A 207 -15.08 -11.41 21.78
C GLY A 207 -14.91 -10.44 20.64
N ASN A 208 -14.79 -9.18 20.97
CA ASN A 208 -14.53 -8.19 19.94
C ASN A 208 -13.03 -8.01 19.69
N PHE A 209 -12.75 -7.48 18.50
CA PHE A 209 -11.41 -7.12 18.05
C PHE A 209 -11.12 -5.63 18.40
N TYR A 210 -10.01 -5.39 19.08
CA TYR A 210 -9.60 -4.04 19.51
C TYR A 210 -8.29 -3.63 18.85
N ILE A 211 -8.27 -2.40 18.35
CA ILE A 211 -7.07 -1.70 17.97
C ILE A 211 -6.97 -0.50 18.92
N THR A 212 -5.95 -0.53 19.77
CA THR A 212 -5.75 0.47 20.80
C THR A 212 -4.49 1.28 20.46
N LEU A 213 -4.68 2.59 20.27
CA LEU A 213 -3.59 3.52 19.93
C LEU A 213 -3.33 4.43 21.11
N LYS A 214 -2.06 4.57 21.50
CA LYS A 214 -1.70 5.48 22.58
C LYS A 214 -0.66 6.51 22.14
N SER A 215 -1.08 7.76 22.04
CA SER A 215 -0.19 8.86 21.65
C SER A 215 0.35 9.53 22.90
N THR A 216 1.63 9.92 22.87
CA THR A 216 2.28 10.61 24.00
C THR A 216 2.65 12.02 23.57
N THR A 217 2.14 13.02 24.30
CA THR A 217 2.34 14.44 23.96
C THR A 217 2.89 15.21 25.14
N SER A 218 3.52 16.33 24.81
CA SER A 218 4.03 17.27 25.80
C SER A 218 3.60 18.66 25.36
N GLY A 219 2.63 19.22 26.07
CA GLY A 219 2.09 20.55 25.79
C GLY A 219 1.58 20.86 24.40
N CYS A 220 1.05 19.87 23.70
CA CYS A 220 0.46 20.12 22.40
C CYS A 220 -0.79 19.28 22.21
N LYS A 221 -1.57 19.60 21.19
CA LYS A 221 -2.71 18.78 20.82
C LYS A 221 -2.23 17.52 20.09
N PRO A 222 -2.88 16.37 20.38
CA PRO A 222 -2.52 15.15 19.61
C PRO A 222 -3.12 15.25 18.24
N ILE A 223 -2.31 15.71 17.29
CA ILE A 223 -2.70 15.91 15.91
C ILE A 223 -1.60 15.32 15.03
N PHE A 224 -1.90 14.21 14.36
CA PHE A 224 -0.87 13.42 13.67
C PHE A 224 -1.49 12.42 12.74
N GLN A 225 -0.68 11.96 11.79
CA GLN A 225 -1.00 10.83 10.91
C GLN A 225 -0.04 9.69 11.24
N MET A 226 -0.57 8.48 11.18
CA MET A 226 0.21 7.29 11.51
C MET A 226 -0.32 6.07 10.75
N SER A 227 0.57 5.21 10.28
CA SER A 227 0.17 3.94 9.71
C SER A 227 1.05 2.80 10.20
N PHE A 228 0.50 1.59 10.13
CA PHE A 228 1.24 0.38 10.41
C PHE A 228 0.55 -0.74 9.69
N MET A 229 1.25 -1.86 9.53
CA MET A 229 0.73 -3.03 8.85
C MET A 229 0.54 -4.22 9.80
N TYR A 230 -0.43 -5.05 9.45
CA TYR A 230 -0.67 -6.29 10.18
C TYR A 230 -1.23 -7.34 9.28
N GLU A 231 -1.13 -8.60 9.69
CA GLU A 231 -1.63 -9.69 8.90
C GLU A 231 -3.06 -10.11 9.33
N SER A 232 -3.87 -10.47 8.35
CA SER A 232 -5.15 -11.13 8.54
C SER A 232 -5.06 -12.54 7.98
N GLN A 233 -5.42 -13.53 8.78
CA GLN A 233 -5.56 -14.92 8.31
C GLN A 233 -6.97 -15.25 7.80
N ILE A 234 -7.81 -14.22 7.64
CA ILE A 234 -9.14 -14.37 7.04
C ILE A 234 -8.94 -14.30 5.54
N GLY A 235 -9.07 -15.42 4.85
CA GLY A 235 -9.00 -15.42 3.38
C GLY A 235 -10.19 -14.68 2.77
N ILE A 236 -9.96 -13.99 1.66
CA ILE A 236 -11.01 -13.39 0.87
C ILE A 236 -11.35 -14.40 -0.23
N VAL A 237 -12.53 -15.02 -0.11
CA VAL A 237 -12.96 -16.10 -1.02
C VAL A 237 -14.33 -15.82 -1.68
N PHE B 45 -29.55 -17.36 -29.57
CA PHE B 45 -29.34 -16.93 -28.15
C PHE B 45 -28.97 -15.45 -28.05
N PHE B 46 -29.07 -14.90 -26.85
CA PHE B 46 -28.55 -13.55 -26.56
C PHE B 46 -27.24 -13.66 -25.75
N THR B 47 -26.51 -12.54 -25.74
CA THR B 47 -25.35 -12.35 -24.88
C THR B 47 -25.58 -11.11 -24.05
N ALA B 48 -25.56 -11.25 -22.72
CA ALA B 48 -25.57 -10.10 -21.81
C ALA B 48 -24.17 -9.53 -21.64
N ALA B 49 -24.06 -8.21 -21.57
CA ALA B 49 -22.81 -7.55 -21.26
C ALA B 49 -22.23 -8.14 -19.97
N PRO B 50 -20.90 -8.29 -19.88
CA PRO B 50 -19.89 -7.87 -20.83
C PRO B 50 -19.63 -8.79 -22.04
N LEU B 51 -20.42 -9.84 -22.24
CA LEU B 51 -20.30 -10.62 -23.47
C LEU B 51 -21.00 -9.82 -24.58
N SER B 52 -20.42 -9.79 -25.77
CA SER B 52 -21.08 -9.17 -26.95
C SER B 52 -20.98 -10.09 -28.16
N TYR B 53 -21.94 -9.96 -29.07
CA TYR B 53 -21.99 -10.79 -30.28
C TYR B 53 -21.82 -9.92 -31.50
N ASN B 54 -20.82 -10.23 -32.32
CA ASN B 54 -20.60 -9.52 -33.57
C ASN B 54 -21.32 -10.29 -34.68
N THR B 55 -22.41 -9.69 -35.16
CA THR B 55 -23.19 -10.23 -36.27
C THR B 55 -22.39 -10.24 -37.59
N GLY B 56 -21.52 -9.24 -37.77
CA GLY B 56 -20.63 -9.17 -38.94
C GLY B 56 -19.65 -10.32 -39.14
N ASN B 57 -19.38 -11.11 -38.09
CA ASN B 57 -18.58 -12.34 -38.24
C ASN B 57 -18.91 -13.49 -37.25
N SER B 58 -20.14 -13.52 -36.71
CA SER B 58 -20.62 -14.60 -35.81
C SER B 58 -19.69 -14.89 -34.61
N THR B 59 -19.11 -13.85 -34.03
CA THR B 59 -18.10 -14.00 -32.97
C THR B 59 -18.63 -13.50 -31.62
N ILE B 60 -18.56 -14.36 -30.61
CA ILE B 60 -18.83 -13.91 -29.24
C ILE B 60 -17.51 -13.44 -28.63
N SER B 61 -17.58 -12.28 -27.98
CA SER B 61 -16.44 -11.60 -27.37
C SER B 61 -16.73 -11.23 -25.91
N LEU B 62 -15.67 -10.98 -25.15
CA LEU B 62 -15.80 -10.38 -23.83
C LEU B 62 -15.29 -8.96 -23.98
N ASP B 63 -16.13 -7.98 -23.70
CA ASP B 63 -15.67 -6.60 -23.66
C ASP B 63 -15.07 -6.33 -22.28
N TYR B 64 -13.90 -5.68 -22.26
CA TYR B 64 -13.22 -5.31 -21.02
C TYR B 64 -12.47 -3.98 -21.15
N ARG B 65 -12.37 -3.25 -20.05
CA ARG B 65 -11.61 -1.99 -20.01
C ARG B 65 -10.11 -2.26 -20.00
N SER B 66 -9.43 -1.94 -21.10
CA SER B 66 -8.02 -2.36 -21.30
C SER B 66 -6.98 -1.81 -20.29
N PRO B 67 -7.21 -0.61 -19.73
CA PRO B 67 -6.30 -0.16 -18.66
C PRO B 67 -6.33 -1.03 -17.38
N GLN B 68 -7.38 -1.82 -17.20
CA GLN B 68 -7.62 -2.61 -16.00
C GLN B 68 -7.49 -4.12 -16.22
N LEU B 69 -7.94 -4.60 -17.37
CA LEU B 69 -7.85 -6.02 -17.75
C LEU B 69 -7.14 -6.18 -19.10
N ARG B 70 -6.71 -7.41 -19.39
CA ARG B 70 -5.93 -7.71 -20.60
C ARG B 70 -5.96 -9.20 -20.93
N VAL B 71 -5.42 -9.52 -22.10
CA VAL B 71 -5.32 -10.90 -22.56
C VAL B 71 -3.85 -11.25 -22.69
N SER B 72 -3.48 -12.39 -22.13
CA SER B 72 -2.09 -12.80 -22.10
C SER B 72 -2.01 -14.30 -22.36
N GLY B 73 -1.52 -14.68 -23.53
CA GLY B 73 -1.44 -16.08 -23.91
C GLY B 73 -2.81 -16.72 -24.02
N GLY B 74 -3.80 -15.95 -24.50
CA GLY B 74 -5.17 -16.40 -24.71
C GLY B 74 -6.11 -16.36 -23.51
N ALA B 75 -5.61 -15.93 -22.36
CA ALA B 75 -6.37 -15.94 -21.12
C ALA B 75 -6.50 -14.53 -20.57
N LEU B 76 -7.57 -14.33 -19.81
CA LEU B 76 -7.83 -13.05 -19.15
C LEU B 76 -6.88 -12.85 -17.96
N ALA B 77 -6.32 -11.66 -17.88
CA ALA B 77 -5.46 -11.28 -16.76
C ALA B 77 -5.68 -9.82 -16.41
N LEU B 78 -5.03 -9.38 -15.34
CA LEU B 78 -5.13 -7.98 -14.90
C LEU B 78 -3.95 -7.20 -15.44
N THR B 79 -4.15 -5.90 -15.62
CA THR B 79 -3.08 -5.02 -16.07
C THR B 79 -2.10 -4.73 -14.91
N SER B 80 -2.66 -4.59 -13.70
CA SER B 80 -1.90 -4.21 -12.50
C SER B 80 -2.30 -5.10 -11.33
N PRO B 81 -2.04 -6.41 -11.46
CA PRO B 81 -2.41 -7.34 -10.38
C PRO B 81 -1.63 -7.07 -9.10
N VAL B 82 -2.26 -7.32 -7.97
CA VAL B 82 -1.57 -7.31 -6.69
C VAL B 82 -0.91 -8.67 -6.48
N PHE B 83 0.41 -8.66 -6.27
CA PHE B 83 1.16 -9.86 -5.88
C PHE B 83 1.94 -9.52 -4.63
N VAL B 84 1.90 -10.44 -3.66
CA VAL B 84 2.62 -10.30 -2.42
C VAL B 84 3.56 -11.48 -2.23
N TYR B 85 4.83 -11.18 -1.99
CA TYR B 85 5.81 -12.22 -1.63
C TYR B 85 6.04 -12.01 -0.14
N GLN B 86 5.80 -13.05 0.66
CA GLN B 86 5.84 -12.85 2.11
C GLN B 86 6.29 -14.06 2.90
N THR B 87 6.63 -13.84 4.15
CA THR B 87 6.82 -14.96 5.06
C THR B 87 5.45 -15.59 5.34
N PRO B 88 5.37 -16.94 5.47
CA PRO B 88 4.06 -17.55 5.70
C PRO B 88 3.42 -17.18 7.02
N PHE B 89 2.10 -17.35 7.11
CA PHE B 89 1.38 -17.21 8.38
C PHE B 89 2.11 -18.03 9.45
N ASN B 90 2.37 -17.42 10.59
CA ASN B 90 2.98 -18.12 11.76
C ASN B 90 4.39 -18.67 11.55
N THR B 91 5.06 -18.26 10.48
CA THR B 91 6.36 -18.76 10.13
C THR B 91 7.26 -17.54 9.86
N PRO B 92 7.60 -16.80 10.93
CA PRO B 92 8.58 -15.72 10.75
C PRO B 92 9.95 -16.26 10.29
N MET B 93 10.69 -15.44 9.57
CA MET B 93 12.02 -15.80 9.12
C MET B 93 13.03 -15.58 10.25
N ARG B 94 13.91 -16.55 10.48
CA ARG B 94 14.99 -16.41 11.44
C ARG B 94 16.16 -15.68 10.76
N LEU B 95 16.59 -14.57 11.34
CA LEU B 95 17.70 -13.81 10.83
C LEU B 95 18.83 -13.75 11.86
N ARG B 96 20.06 -13.67 11.36
CA ARG B 96 21.27 -13.51 12.14
C ARG B 96 21.93 -12.17 11.84
N ASN B 97 22.33 -11.47 12.89
CA ASN B 97 23.12 -10.22 12.80
C ASN B 97 24.60 -10.52 12.40
N GLY B 98 24.86 -10.63 11.11
CA GLY B 98 26.20 -10.97 10.60
C GLY B 98 26.79 -12.24 11.22
N THR B 99 28.02 -12.14 11.72
CA THR B 99 28.73 -13.23 12.39
C THR B 99 28.47 -13.32 13.90
N TYR B 100 27.73 -12.36 14.45
CA TYR B 100 27.40 -12.41 15.88
C TYR B 100 26.37 -13.51 16.19
N ASN B 101 26.32 -13.91 17.46
CA ASN B 101 25.35 -14.92 17.96
C ASN B 101 24.06 -14.20 18.40
N GLU B 102 23.63 -13.23 17.58
CA GLU B 102 22.43 -12.41 17.81
C GLU B 102 21.45 -12.72 16.70
N TYR B 103 20.27 -13.20 17.09
CA TYR B 103 19.26 -13.68 16.17
C TYR B 103 17.98 -12.85 16.35
N ALA B 104 17.11 -12.85 15.33
CA ALA B 104 15.80 -12.19 15.39
C ALA B 104 14.77 -12.94 14.56
N ASP B 105 13.50 -12.75 14.90
CA ASP B 105 12.40 -13.20 14.01
C ASP B 105 11.90 -12.03 13.19
N ALA B 106 11.62 -12.28 11.91
CA ALA B 106 11.18 -11.23 11.00
C ALA B 106 9.95 -11.70 10.20
N HIS B 107 8.87 -10.92 10.22
CA HIS B 107 7.76 -11.12 9.26
C HIS B 107 7.97 -10.10 8.16
N ILE B 108 7.82 -10.53 6.91
CA ILE B 108 8.21 -9.71 5.73
C ILE B 108 7.10 -9.80 4.70
N GLN B 109 6.74 -8.66 4.12
CA GLN B 109 5.80 -8.59 3.00
C GLN B 109 6.39 -7.67 1.95
N MET B 110 6.36 -8.13 0.71
CA MET B 110 6.84 -7.36 -0.44
C MET B 110 5.70 -7.30 -1.46
N VAL B 111 5.07 -6.13 -1.57
CA VAL B 111 3.80 -5.99 -2.26
C VAL B 111 3.95 -5.20 -3.54
N ARG B 112 3.55 -5.83 -4.63
CA ARG B 112 3.64 -5.25 -5.93
C ARG B 112 2.33 -4.51 -6.31
N PHE B 113 2.40 -3.19 -6.41
CA PHE B 113 1.30 -2.33 -6.87
C PHE B 113 1.81 -1.67 -8.14
N GLY B 114 1.18 -1.97 -9.28
CA GLY B 114 1.70 -1.56 -10.56
C GLY B 114 3.11 -2.11 -10.72
N THR B 115 4.07 -1.22 -10.92
CA THR B 115 5.50 -1.56 -10.94
C THR B 115 6.24 -1.17 -9.66
N THR B 116 5.53 -0.71 -8.63
CA THR B 116 6.18 -0.34 -7.38
C THR B 116 6.14 -1.54 -6.45
N VAL B 117 7.11 -1.62 -5.55
CA VAL B 117 7.13 -2.63 -4.49
C VAL B 117 7.10 -1.91 -3.15
N LEU B 118 6.09 -2.20 -2.32
CA LEU B 118 6.04 -1.75 -0.95
C LEU B 118 6.64 -2.87 -0.06
N PHE B 119 7.73 -2.55 0.64
CA PHE B 119 8.45 -3.51 1.50
C PHE B 119 8.12 -3.19 2.93
N ASN B 120 7.66 -4.20 3.69
CA ASN B 120 7.39 -4.07 5.10
C ASN B 120 8.09 -5.20 5.85
N ILE B 121 8.70 -4.84 6.99
CA ILE B 121 9.33 -5.81 7.85
C ILE B 121 8.99 -5.51 9.30
N ASP B 122 8.73 -6.58 10.03
CA ASP B 122 8.51 -6.50 11.43
C ASP B 122 9.59 -7.38 12.10
N VAL B 123 10.51 -6.76 12.83
CA VAL B 123 11.69 -7.42 13.43
C VAL B 123 11.53 -7.53 14.93
N THR B 124 11.77 -8.72 15.48
CA THR B 124 11.74 -8.94 16.92
C THR B 124 13.06 -9.59 17.29
N GLY B 125 14.02 -8.75 17.66
CA GLY B 125 15.31 -9.22 18.17
C GLY B 125 15.22 -9.81 19.56
N GLU B 126 16.06 -10.79 19.87
N GLU B 126 16.06 -10.82 19.81
CA GLU B 126 16.06 -11.42 21.20
CA GLU B 126 16.14 -11.51 21.10
C GLU B 126 17.16 -10.94 22.13
C GLU B 126 17.05 -10.82 22.12
N THR B 127 18.09 -10.12 21.64
CA THR B 127 19.16 -9.59 22.48
C THR B 127 19.08 -8.09 22.64
N ASN B 128 19.10 -7.64 23.89
CA ASN B 128 19.38 -6.25 24.22
C ASN B 128 20.73 -5.89 23.71
N ALA B 129 20.82 -4.75 23.03
CA ALA B 129 22.01 -4.41 22.28
C ALA B 129 22.27 -2.90 22.22
N THR B 130 23.55 -2.57 22.13
CA THR B 130 24.02 -1.21 21.90
C THR B 130 24.97 -1.29 20.72
N GLY B 131 24.54 -0.74 19.58
CA GLY B 131 25.28 -0.82 18.33
C GLY B 131 24.35 -0.78 17.14
N THR B 132 24.85 -1.26 16.01
CA THR B 132 24.09 -1.34 14.76
C THR B 132 24.07 -2.79 14.27
N GLN B 133 22.87 -3.34 14.07
CA GLN B 133 22.70 -4.71 13.66
C GLN B 133 22.47 -4.73 12.17
N THR B 134 22.98 -5.74 11.47
CA THR B 134 22.78 -5.85 10.04
C THR B 134 21.85 -7.05 9.77
N TRP B 135 20.68 -6.77 9.21
CA TRP B 135 19.73 -7.79 8.83
C TRP B 135 19.71 -7.85 7.31
N GLU B 136 20.27 -8.89 6.72
CA GLU B 136 20.44 -8.96 5.27
C GLU B 136 19.56 -10.04 4.65
N LEU B 137 18.84 -9.66 3.59
CA LEU B 137 18.01 -10.56 2.82
C LEU B 137 18.61 -10.71 1.42
N GLN B 138 18.75 -11.94 0.93
CA GLN B 138 19.22 -12.21 -0.44
C GLN B 138 18.18 -12.90 -1.25
N PHE B 139 18.10 -12.52 -2.51
CA PHE B 139 17.17 -13.09 -3.47
C PHE B 139 17.90 -13.45 -4.77
N ASP B 140 17.58 -14.59 -5.34
CA ASP B 140 18.09 -15.00 -6.64
C ASP B 140 17.83 -13.91 -7.67
N GLY B 141 18.88 -13.48 -8.37
CA GLY B 141 18.80 -12.35 -9.26
C GLY B 141 18.04 -12.58 -10.55
N THR B 142 17.67 -13.83 -10.82
CA THR B 142 16.93 -14.22 -12.01
C THR B 142 15.50 -14.60 -11.74
N LEU B 143 15.30 -15.36 -10.66
CA LEU B 143 13.99 -15.90 -10.31
C LEU B 143 13.31 -15.15 -9.15
N GLY B 144 14.09 -14.42 -8.36
CA GLY B 144 13.57 -13.70 -7.21
C GLY B 144 13.43 -14.47 -5.91
N SER B 145 13.64 -15.80 -5.93
CA SER B 145 13.49 -16.65 -4.76
C SER B 145 14.32 -16.13 -3.61
N CYS B 146 13.73 -16.04 -2.43
CA CYS B 146 14.48 -15.67 -1.25
C CYS B 146 15.44 -16.77 -0.84
N LEU B 147 16.73 -16.43 -0.75
CA LEU B 147 17.77 -17.39 -0.37
C LEU B 147 17.99 -17.43 1.13
N THR B 148 17.55 -16.36 1.82
CA THR B 148 17.79 -16.18 3.24
C THR B 148 16.83 -17.02 4.11
N GLY B 149 15.61 -17.26 3.63
CA GLY B 149 14.60 -18.01 4.37
C GLY B 149 13.34 -18.26 3.54
N ARG B 150 12.35 -18.86 4.17
CA ARG B 150 11.15 -19.31 3.49
CA ARG B 150 11.13 -19.31 3.50
C ARG B 150 10.20 -18.12 3.26
N MET B 151 9.94 -17.82 1.98
CA MET B 151 8.92 -16.86 1.59
C MET B 151 8.02 -17.48 0.53
N GLN B 152 6.81 -16.96 0.37
CA GLN B 152 5.94 -17.43 -0.68
C GLN B 152 5.01 -16.37 -1.23
N VAL B 153 4.57 -16.60 -2.46
CA VAL B 153 3.65 -15.72 -3.12
C VAL B 153 2.28 -16.12 -2.59
N MET B 154 1.56 -15.19 -1.98
CA MET B 154 0.31 -15.50 -1.27
CA MET B 154 0.30 -15.50 -1.29
C MET B 154 -0.85 -14.69 -1.86
N GLY B 155 -1.95 -15.36 -2.17
CA GLY B 155 -3.15 -14.67 -2.60
C GLY B 155 -3.95 -14.09 -1.43
N GLY B 156 -4.90 -13.22 -1.76
CA GLY B 156 -5.88 -12.73 -0.79
C GLY B 156 -6.80 -13.79 -0.24
N THR B 157 -6.88 -14.91 -0.96
CA THR B 157 -7.57 -16.11 -0.47
C THR B 157 -6.86 -16.79 0.71
N GLY B 158 -5.62 -16.42 1.00
CA GLY B 158 -4.84 -17.08 2.04
C GLY B 158 -4.06 -18.28 1.51
N GLU B 159 -4.12 -18.55 0.20
CA GLU B 159 -3.50 -19.73 -0.39
C GLU B 159 -2.19 -19.37 -1.11
N GLU B 160 -1.20 -20.26 -1.03
CA GLU B 160 0.04 -20.06 -1.77
C GLU B 160 -0.23 -20.14 -3.28
N LEU B 161 0.34 -19.21 -4.04
CA LEU B 161 0.24 -19.17 -5.51
C LEU B 161 1.51 -19.71 -6.18
N ASP B 162 1.30 -20.48 -7.25
CA ASP B 162 2.39 -21.15 -7.97
C ASP B 162 2.96 -20.18 -9.01
N VAL B 163 3.76 -19.24 -8.51
CA VAL B 163 4.24 -18.09 -9.26
C VAL B 163 5.71 -17.83 -8.91
N THR B 164 6.55 -17.70 -9.92
CA THR B 164 7.97 -17.38 -9.71
C THR B 164 8.08 -15.90 -9.36
N PRO B 165 8.69 -15.56 -8.20
CA PRO B 165 8.65 -14.16 -7.71
C PRO B 165 9.65 -13.18 -8.39
N THR B 166 9.72 -13.19 -9.72
CA THR B 166 10.56 -12.21 -10.43
C THR B 166 10.11 -10.76 -10.14
N PHE B 167 8.83 -10.59 -9.78
CA PHE B 167 8.23 -9.25 -9.59
C PHE B 167 8.82 -8.38 -8.47
N ILE B 168 9.57 -8.96 -7.55
CA ILE B 168 10.29 -8.17 -6.54
C ILE B 168 11.62 -7.61 -7.01
N LEU B 169 12.11 -8.06 -8.15
CA LEU B 169 13.45 -7.66 -8.64
C LEU B 169 13.46 -6.25 -9.25
N PRO B 170 14.41 -5.38 -8.84
CA PRO B 170 14.44 -4.02 -9.38
C PRO B 170 14.64 -3.94 -10.92
N THR B 171 15.64 -4.64 -11.42
CA THR B 171 16.05 -4.54 -12.85
C THR B 171 16.44 -5.89 -13.44
N SER B 172 16.10 -6.13 -14.70
CA SER B 172 16.59 -7.34 -15.40
C SER B 172 18.09 -7.27 -15.75
N ASP B 173 18.70 -6.08 -15.72
CA ASP B 173 20.16 -5.96 -15.93
C ASP B 173 21.04 -5.98 -14.65
N LYS B 174 20.45 -6.31 -13.50
CA LYS B 174 21.20 -6.60 -12.26
C LYS B 174 22.12 -5.47 -11.78
N SER B 175 21.60 -4.25 -11.82
CA SER B 175 22.24 -3.12 -11.15
C SER B 175 21.16 -2.27 -10.46
N VAL B 176 21.50 -1.68 -9.33
CA VAL B 176 20.58 -0.77 -8.62
C VAL B 176 21.33 0.06 -7.57
N TYR B 177 20.94 1.32 -7.47
CA TYR B 177 21.28 2.20 -6.36
C TYR B 177 19.96 2.52 -5.72
N LYS B 178 19.80 2.13 -4.46
CA LYS B 178 18.79 2.75 -3.64
C LYS B 178 19.17 2.57 -2.20
N GLN B 179 19.25 3.67 -1.48
CA GLN B 179 19.49 3.62 -0.06
C GLN B 179 18.87 4.81 0.62
N GLY B 180 18.59 4.65 1.90
CA GLY B 180 17.95 5.66 2.71
C GLY B 180 17.79 5.14 4.12
N PHE B 181 17.19 5.94 4.97
CA PHE B 181 16.88 5.62 6.36
C PHE B 181 15.42 5.92 6.60
N MET B 182 14.83 5.16 7.51
CA MET B 182 13.52 5.39 8.01
C MET B 182 13.64 5.54 9.51
N PRO B 183 12.80 6.41 10.09
CA PRO B 183 12.70 6.51 11.54
C PRO B 183 11.93 5.30 12.08
N ILE B 184 12.35 4.81 13.25
CA ILE B 184 11.71 3.67 13.92
C ILE B 184 11.64 3.91 15.40
N VAL B 185 10.68 3.29 16.05
CA VAL B 185 10.62 3.28 17.50
C VAL B 185 10.74 1.83 17.97
N CYS B 186 11.71 1.59 18.86
CA CYS B 186 11.91 0.29 19.49
C CYS B 186 11.10 0.25 20.76
N SER B 187 10.42 -0.86 21.00
CA SER B 187 9.68 -1.06 22.24
C SER B 187 9.75 -2.52 22.68
N GLU B 188 9.24 -2.80 23.86
CA GLU B 188 9.14 -4.18 24.34
C GLU B 188 7.94 -4.31 25.29
N ASN B 189 7.06 -5.28 25.00
CA ASN B 189 5.89 -5.55 25.85
C ASN B 189 5.11 -4.25 26.13
N GLY B 190 4.78 -3.51 25.06
CA GLY B 190 4.03 -2.28 25.17
C GLY B 190 4.72 -1.05 25.78
N GLU B 191 6.02 -1.14 26.05
CA GLU B 191 6.77 -0.06 26.69
C GLU B 191 7.74 0.60 25.71
N PHE B 192 7.67 1.92 25.60
CA PHE B 192 8.56 2.70 24.75
C PHE B 192 10.01 2.50 25.21
N LYS B 193 10.94 2.22 24.28
CA LYS B 193 12.37 2.11 24.61
C LYS B 193 13.22 3.19 23.97
N GLN B 194 13.10 3.39 22.67
CA GLN B 194 13.96 4.33 21.97
C GLN B 194 13.38 4.77 20.64
N SER B 195 13.55 6.05 20.32
CA SER B 195 13.33 6.56 18.95
C SER B 195 14.65 6.60 18.23
N THR B 196 14.72 5.90 17.11
CA THR B 196 15.98 5.74 16.44
C THR B 196 15.70 5.52 14.97
N TYR B 197 16.60 4.86 14.26
CA TYR B 197 16.47 4.76 12.80
C TYR B 197 16.98 3.42 12.32
N CYS B 198 16.64 3.12 11.07
CA CYS B 198 17.04 1.89 10.41
C CYS B 198 17.34 2.23 8.96
N SER B 199 18.52 1.87 8.46
CA SER B 199 18.82 2.08 7.04
C SER B 199 18.32 0.94 6.17
N TYR B 200 18.13 1.20 4.90
CA TYR B 200 17.88 0.17 3.92
C TYR B 200 18.77 0.44 2.70
N ALA B 201 19.20 -0.61 2.04
CA ALA B 201 20.07 -0.48 0.88
C ALA B 201 19.81 -1.63 -0.07
N LEU B 202 19.56 -1.30 -1.34
CA LEU B 202 19.29 -2.26 -2.39
C LEU B 202 20.53 -2.36 -3.26
N THR B 203 21.08 -3.57 -3.38
CA THR B 203 22.27 -3.79 -4.21
C THR B 203 22.17 -5.12 -4.94
N TYR B 204 23.09 -5.30 -5.88
CA TYR B 204 23.34 -6.61 -6.48
C TYR B 204 24.80 -6.99 -6.23
N ARG B 205 25.03 -8.26 -5.90
CA ARG B 205 26.37 -8.82 -6.00
CA ARG B 205 26.38 -8.83 -5.88
C ARG B 205 26.34 -10.31 -6.26
N LEU B 206 27.31 -10.75 -7.07
CA LEU B 206 27.38 -12.12 -7.59
C LEU B 206 26.09 -12.50 -8.32
N GLY B 207 25.48 -11.51 -8.97
CA GLY B 207 24.24 -11.69 -9.70
C GLY B 207 22.96 -11.85 -8.88
N ASN B 208 23.01 -11.64 -7.57
CA ASN B 208 21.84 -11.72 -6.70
C ASN B 208 21.48 -10.36 -6.12
N PHE B 209 20.21 -10.22 -5.78
CA PHE B 209 19.61 -9.00 -5.25
C PHE B 209 19.61 -9.05 -3.75
N TYR B 210 20.15 -7.99 -3.12
CA TYR B 210 20.23 -7.84 -1.68
C TYR B 210 19.39 -6.66 -1.22
N ILE B 211 18.69 -6.85 -0.11
CA ILE B 211 18.09 -5.78 0.67
C ILE B 211 18.77 -5.90 2.01
N THR B 212 19.60 -4.91 2.34
CA THR B 212 20.32 -4.91 3.60
C THR B 212 19.74 -3.84 4.50
N LEU B 213 19.29 -4.25 5.68
CA LEU B 213 18.71 -3.33 6.65
C LEU B 213 19.69 -3.21 7.79
N LYS B 214 19.84 -2.00 8.35
CA LYS B 214 20.65 -1.79 9.54
C LYS B 214 19.98 -0.93 10.60
N SER B 215 19.69 -1.56 11.75
CA SER B 215 19.03 -0.91 12.88
C SER B 215 20.07 -0.48 13.88
N THR B 216 19.89 0.71 14.48
CA THR B 216 20.79 1.23 15.47
C THR B 216 20.04 1.32 16.82
N THR B 217 20.54 0.64 17.84
CA THR B 217 19.92 0.61 19.16
C THR B 217 20.88 1.05 20.24
N SER B 218 20.29 1.49 21.35
CA SER B 218 21.04 1.84 22.55
C SER B 218 20.36 1.21 23.76
N GLY B 219 20.98 0.14 24.27
CA GLY B 219 20.48 -0.59 25.42
C GLY B 219 19.07 -1.15 25.31
N CYS B 220 18.68 -1.61 24.13
CA CYS B 220 17.34 -2.18 23.97
C CYS B 220 17.36 -3.20 22.88
N LYS B 221 16.37 -4.08 22.89
CA LYS B 221 16.23 -5.07 21.84
CA LYS B 221 16.24 -5.08 21.83
C LYS B 221 15.76 -4.37 20.54
N PRO B 222 16.27 -4.79 19.37
CA PRO B 222 15.73 -4.25 18.14
C PRO B 222 14.40 -4.93 17.81
N ILE B 223 13.33 -4.28 18.25
CA ILE B 223 11.96 -4.68 18.02
C ILE B 223 11.23 -3.48 17.42
N PHE B 224 10.88 -3.61 16.15
CA PHE B 224 10.36 -2.49 15.35
C PHE B 224 9.71 -2.97 14.07
N GLN B 225 8.90 -2.07 13.50
CA GLN B 225 8.35 -2.21 12.15
C GLN B 225 8.86 -1.04 11.30
N MET B 226 9.24 -1.34 10.07
CA MET B 226 9.72 -0.36 9.11
C MET B 226 9.19 -0.74 7.75
N SER B 227 8.83 0.26 6.94
CA SER B 227 8.51 0.04 5.52
C SER B 227 9.11 1.13 4.64
N PHE B 228 9.28 0.80 3.36
CA PHE B 228 9.74 1.75 2.35
C PHE B 228 9.29 1.22 0.98
N MET B 229 9.35 2.09 -0.02
CA MET B 229 8.97 1.73 -1.39
C MET B 229 10.15 1.80 -2.35
N TYR B 230 10.16 0.87 -3.30
CA TYR B 230 11.11 0.92 -4.41
C TYR B 230 10.39 0.58 -5.70
N GLU B 231 11.10 0.64 -6.82
CA GLU B 231 10.51 0.41 -8.14
CA GLU B 231 10.54 0.46 -8.16
C GLU B 231 11.12 -0.82 -8.82
N SER B 232 10.27 -1.57 -9.51
CA SER B 232 10.69 -2.70 -10.36
C SER B 232 10.44 -2.37 -11.84
N GLN B 233 11.42 -2.59 -12.71
CA GLN B 233 11.16 -2.53 -14.15
C GLN B 233 10.83 -3.90 -14.75
N ILE B 234 10.64 -4.93 -13.91
CA ILE B 234 10.24 -6.24 -14.39
C ILE B 234 8.72 -6.21 -14.55
N GLY B 235 8.24 -6.38 -15.78
CA GLY B 235 6.81 -6.36 -16.06
C GLY B 235 6.17 -7.69 -15.73
N ILE B 236 4.92 -7.65 -15.25
CA ILE B 236 4.13 -8.84 -15.02
C ILE B 236 3.30 -9.00 -16.29
N VAL B 237 3.61 -10.03 -17.07
CA VAL B 237 2.98 -10.23 -18.38
C VAL B 237 2.27 -11.57 -18.48
N PHE C 45 -25.02 -26.84 -26.90
CA PHE C 45 -23.70 -26.62 -26.23
C PHE C 45 -23.84 -26.36 -24.73
N PHE C 46 -22.72 -26.55 -24.02
CA PHE C 46 -22.63 -26.29 -22.58
C PHE C 46 -21.86 -24.99 -22.29
N THR C 47 -22.10 -24.42 -21.11
CA THR C 47 -21.33 -23.26 -20.61
C THR C 47 -20.60 -23.68 -19.35
N ALA C 48 -19.30 -23.42 -19.28
CA ALA C 48 -18.53 -23.72 -18.06
C ALA C 48 -18.41 -22.46 -17.22
N ALA C 49 -18.69 -22.59 -15.91
CA ALA C 49 -18.48 -21.51 -14.92
C ALA C 49 -17.12 -20.84 -15.14
N PRO C 50 -17.07 -19.50 -15.10
CA PRO C 50 -18.12 -18.51 -14.74
C PRO C 50 -19.13 -18.07 -15.84
N LEU C 51 -19.14 -18.73 -17.00
CA LEU C 51 -20.18 -18.53 -18.00
C LEU C 51 -21.39 -19.37 -17.57
N SER C 52 -22.57 -18.83 -17.79
CA SER C 52 -23.82 -19.54 -17.49
C SER C 52 -24.84 -19.20 -18.54
N TYR C 53 -25.80 -20.11 -18.73
CA TYR C 53 -26.85 -19.95 -19.72
C TYR C 53 -28.20 -19.93 -19.02
N ASN C 54 -28.97 -18.87 -19.21
CA ASN C 54 -30.31 -18.80 -18.62
C ASN C 54 -31.34 -19.43 -19.58
N THR C 55 -31.74 -20.64 -19.24
CA THR C 55 -32.81 -21.34 -19.95
C THR C 55 -34.12 -20.67 -19.49
N GLY C 56 -34.71 -19.88 -20.38
CA GLY C 56 -35.76 -18.95 -19.98
C GLY C 56 -35.77 -17.71 -20.84
N ASN C 57 -34.62 -17.06 -20.95
CA ASN C 57 -34.45 -15.87 -21.82
C ASN C 57 -33.39 -16.08 -22.90
N SER C 58 -32.94 -17.34 -23.04
CA SER C 58 -31.91 -17.71 -24.02
C SER C 58 -30.65 -16.86 -24.01
N THR C 59 -30.24 -16.40 -22.82
CA THR C 59 -29.10 -15.49 -22.69
C THR C 59 -27.91 -16.19 -22.00
N ILE C 60 -26.73 -16.04 -22.62
CA ILE C 60 -25.47 -16.46 -22.03
C ILE C 60 -24.88 -15.29 -21.25
N SER C 61 -24.43 -15.56 -20.03
CA SER C 61 -23.85 -14.52 -19.18
C SER C 61 -22.45 -14.87 -18.68
N LEU C 62 -21.74 -13.83 -18.21
CA LEU C 62 -20.61 -13.97 -17.31
C LEU C 62 -21.08 -13.61 -15.91
N ASP C 63 -21.04 -14.58 -15.00
CA ASP C 63 -21.27 -14.36 -13.58
C ASP C 63 -19.95 -13.86 -12.95
N TYR C 64 -20.05 -12.87 -12.07
CA TYR C 64 -18.88 -12.28 -11.42
C TYR C 64 -19.29 -11.74 -10.04
N ARG C 65 -18.33 -11.64 -9.12
CA ARG C 65 -18.62 -11.14 -7.77
CA ARG C 65 -18.60 -11.14 -7.77
C ARG C 65 -18.56 -9.61 -7.81
N SER C 66 -19.71 -8.98 -7.56
CA SER C 66 -19.86 -7.51 -7.70
C SER C 66 -18.99 -6.65 -6.80
N PRO C 67 -18.63 -7.13 -5.60
CA PRO C 67 -17.65 -6.35 -4.83
C PRO C 67 -16.21 -6.31 -5.39
N GLN C 68 -15.89 -7.19 -6.37
CA GLN C 68 -14.54 -7.28 -6.95
C GLN C 68 -14.48 -6.81 -8.39
N LEU C 69 -15.49 -7.18 -9.18
CA LEU C 69 -15.58 -6.85 -10.59
C LEU C 69 -16.93 -6.19 -10.89
N ARG C 70 -16.98 -5.47 -12.01
CA ARG C 70 -18.17 -4.71 -12.41
C ARG C 70 -18.24 -4.52 -13.91
N VAL C 71 -19.37 -3.99 -14.36
CA VAL C 71 -19.54 -3.63 -15.76
C VAL C 71 -19.73 -2.12 -15.89
N SER C 72 -18.93 -1.47 -16.73
CA SER C 72 -19.14 -0.06 -17.08
C SER C 72 -19.13 0.10 -18.59
N GLY C 73 -20.22 0.68 -19.10
CA GLY C 73 -20.40 0.88 -20.55
C GLY C 73 -20.36 -0.43 -21.28
N GLY C 74 -21.00 -1.44 -20.72
CA GLY C 74 -20.95 -2.81 -21.26
C GLY C 74 -19.62 -3.57 -21.21
N ALA C 75 -18.57 -2.99 -20.60
CA ALA C 75 -17.24 -3.61 -20.53
C ALA C 75 -16.92 -4.10 -19.09
N LEU C 76 -16.28 -5.27 -18.98
CA LEU C 76 -15.81 -5.76 -17.65
C LEU C 76 -14.71 -4.87 -17.11
N ALA C 77 -14.82 -4.53 -15.83
CA ALA C 77 -13.81 -3.73 -15.16
C ALA C 77 -13.66 -4.19 -13.70
N LEU C 78 -12.70 -3.64 -12.97
CA LEU C 78 -12.54 -3.95 -11.55
C LEU C 78 -13.28 -2.90 -10.72
N THR C 79 -13.70 -3.32 -9.54
CA THR C 79 -14.33 -2.43 -8.59
C THR C 79 -13.30 -1.53 -7.91
N SER C 80 -12.13 -2.08 -7.56
CA SER C 80 -11.07 -1.31 -6.93
C SER C 80 -9.73 -1.55 -7.62
N PRO C 81 -9.59 -1.03 -8.85
CA PRO C 81 -8.35 -1.27 -9.58
C PRO C 81 -7.21 -0.46 -9.02
N VAL C 82 -5.99 -0.99 -9.18
CA VAL C 82 -4.79 -0.31 -8.79
C VAL C 82 -4.32 0.56 -9.97
N PHE C 83 -4.16 1.86 -9.76
CA PHE C 83 -3.49 2.75 -10.73
C PHE C 83 -2.35 3.46 -10.03
N VAL C 84 -1.28 3.71 -10.79
CA VAL C 84 -0.09 4.37 -10.26
C VAL C 84 0.33 5.48 -11.20
N TYR C 85 0.45 6.69 -10.64
CA TYR C 85 1.02 7.83 -11.34
C TYR C 85 2.40 8.07 -10.77
N GLN C 86 3.43 8.04 -11.62
CA GLN C 86 4.82 8.06 -11.16
C GLN C 86 5.79 8.75 -12.13
N THR C 87 6.92 9.19 -11.59
CA THR C 87 8.06 9.57 -12.40
C THR C 87 8.51 8.34 -13.20
N PRO C 88 9.00 8.53 -14.44
CA PRO C 88 9.47 7.34 -15.18
C PRO C 88 10.70 6.70 -14.56
N PHE C 89 10.86 5.40 -14.79
CA PHE C 89 11.97 4.62 -14.24
C PHE C 89 13.27 5.33 -14.62
N ASN C 90 14.08 5.61 -13.60
CA ASN C 90 15.35 6.31 -13.77
C ASN C 90 15.27 7.68 -14.50
N THR C 91 14.15 8.39 -14.29
CA THR C 91 13.92 9.73 -14.83
C THR C 91 13.32 10.61 -13.72
N PRO C 92 14.15 10.96 -12.73
CA PRO C 92 13.64 11.76 -11.62
C PRO C 92 13.31 13.18 -12.05
N MET C 93 12.37 13.78 -11.33
CA MET C 93 11.94 15.15 -11.57
C MET C 93 12.93 16.12 -10.90
N ARG C 94 13.20 17.25 -11.56
CA ARG C 94 14.06 18.30 -11.01
C ARG C 94 13.22 19.33 -10.25
N LEU C 95 13.52 19.51 -8.96
CA LEU C 95 12.77 20.45 -8.13
C LEU C 95 13.71 21.49 -7.56
N ARG C 96 13.17 22.68 -7.33
CA ARG C 96 13.92 23.77 -6.79
C ARG C 96 13.32 24.21 -5.48
N ASN C 97 14.17 24.51 -4.51
CA ASN C 97 13.78 25.06 -3.22
C ASN C 97 13.34 26.50 -3.39
N GLY C 98 12.10 26.69 -3.82
CA GLY C 98 11.54 28.04 -3.99
C GLY C 98 12.39 28.89 -4.93
N THR C 99 12.79 30.08 -4.48
CA THR C 99 13.70 30.96 -5.26
C THR C 99 15.19 30.72 -4.98
N TYR C 100 15.54 29.94 -3.96
CA TYR C 100 16.95 29.69 -3.63
C TYR C 100 17.63 28.91 -4.76
N ASN C 101 18.96 28.89 -4.72
CA ASN C 101 19.75 28.13 -5.70
C ASN C 101 20.09 26.79 -5.10
N GLU C 102 19.04 26.02 -4.87
CA GLU C 102 19.13 24.77 -4.15
C GLU C 102 18.13 23.89 -4.85
N TYR C 103 18.62 22.74 -5.33
CA TYR C 103 17.83 21.82 -6.13
C TYR C 103 17.85 20.41 -5.53
N ALA C 104 16.89 19.61 -5.97
CA ALA C 104 16.79 18.20 -5.60
C ALA C 104 16.26 17.39 -6.78
N ASP C 105 16.68 16.13 -6.85
CA ASP C 105 16.04 15.17 -7.73
C ASP C 105 15.00 14.41 -6.91
N ALA C 106 13.87 14.10 -7.54
CA ALA C 106 12.75 13.47 -6.88
C ALA C 106 12.13 12.33 -7.71
N HIS C 107 12.09 11.13 -7.11
CA HIS C 107 11.31 10.00 -7.64
C HIS C 107 10.01 9.99 -6.88
N ILE C 108 8.89 9.90 -7.60
CA ILE C 108 7.55 10.04 -6.99
C ILE C 108 6.65 8.90 -7.44
N GLN C 109 5.89 8.30 -6.52
CA GLN C 109 4.82 7.38 -6.91
C GLN C 109 3.54 7.72 -6.16
N MET C 110 2.43 7.69 -6.89
CA MET C 110 1.14 8.01 -6.35
C MET C 110 0.22 6.83 -6.64
N VAL C 111 -0.06 6.05 -5.61
CA VAL C 111 -0.69 4.74 -5.76
C VAL C 111 -2.13 4.85 -5.33
N ARG C 112 -3.05 4.50 -6.21
CA ARG C 112 -4.44 4.64 -5.94
C ARG C 112 -4.98 3.24 -5.60
N PHE C 113 -5.51 3.05 -4.40
CA PHE C 113 -6.26 1.86 -4.12
C PHE C 113 -7.56 2.16 -3.37
N GLY C 114 -8.66 1.60 -3.89
CA GLY C 114 -9.96 2.04 -3.52
C GLY C 114 -10.04 3.52 -3.88
N THR C 115 -10.40 4.35 -2.91
CA THR C 115 -10.42 5.81 -3.08
C THR C 115 -9.24 6.50 -2.39
N THR C 116 -8.28 5.71 -1.92
CA THR C 116 -7.14 6.27 -1.20
CA THR C 116 -7.12 6.25 -1.18
C THR C 116 -5.91 6.39 -2.10
N VAL C 117 -5.11 7.43 -1.87
CA VAL C 117 -3.85 7.62 -2.58
C VAL C 117 -2.71 7.47 -1.56
N LEU C 118 -1.76 6.61 -1.87
CA LEU C 118 -0.51 6.54 -1.12
C LEU C 118 0.55 7.32 -1.90
N PHE C 119 1.00 8.43 -1.34
CA PHE C 119 1.98 9.34 -1.99
C PHE C 119 3.31 8.95 -1.42
N ASN C 120 4.27 8.66 -2.28
CA ASN C 120 5.65 8.36 -1.84
C ASN C 120 6.62 9.21 -2.64
N ILE C 121 7.59 9.80 -1.96
CA ILE C 121 8.62 10.60 -2.61
C ILE C 121 10.02 10.30 -2.07
N ASP C 122 10.98 10.21 -2.99
CA ASP C 122 12.38 10.07 -2.66
C ASP C 122 13.10 11.32 -3.09
N VAL C 123 13.48 12.16 -2.13
CA VAL C 123 14.04 13.48 -2.43
C VAL C 123 15.54 13.38 -2.24
N THR C 124 16.30 13.72 -3.28
CA THR C 124 17.77 13.76 -3.16
C THR C 124 18.28 15.16 -3.41
N GLY C 125 18.42 15.92 -2.32
CA GLY C 125 18.85 17.29 -2.38
C GLY C 125 20.33 17.37 -2.63
N GLU C 126 20.78 18.52 -3.14
CA GLU C 126 22.20 18.67 -3.49
C GLU C 126 23.01 19.62 -2.64
N THR C 127 22.35 20.46 -1.84
CA THR C 127 23.04 21.51 -1.10
C THR C 127 22.83 21.33 0.41
N ASN C 128 23.93 21.36 1.17
CA ASN C 128 23.86 21.37 2.63
C ASN C 128 23.14 22.62 3.08
N ALA C 129 22.26 22.47 4.07
CA ALA C 129 21.41 23.58 4.47
C ALA C 129 20.95 23.51 5.91
N THR C 130 20.76 24.69 6.48
CA THR C 130 20.15 24.87 7.78
C THR C 130 18.95 25.77 7.57
N GLY C 131 17.76 25.17 7.63
CA GLY C 131 16.51 25.89 7.44
C GLY C 131 15.43 24.93 7.01
N THR C 132 14.42 25.48 6.33
CA THR C 132 13.27 24.72 5.85
C THR C 132 13.14 24.94 4.35
N GLN C 133 13.27 23.88 3.56
CA GLN C 133 13.21 23.96 2.10
C GLN C 133 11.76 23.68 1.66
N THR C 134 11.30 24.34 0.61
CA THR C 134 9.95 24.14 0.06
C THR C 134 10.01 23.45 -1.31
N TRP C 135 9.43 22.25 -1.40
CA TRP C 135 9.35 21.50 -2.65
C TRP C 135 7.89 21.41 -3.08
N GLU C 136 7.59 21.89 -4.29
CA GLU C 136 6.22 22.09 -4.71
C GLU C 136 5.98 21.33 -5.96
N LEU C 137 4.91 20.54 -5.94
CA LEU C 137 4.47 19.79 -7.09
C LEU C 137 3.13 20.38 -7.48
N GLN C 138 2.95 20.56 -8.78
CA GLN C 138 1.77 21.18 -9.33
C GLN C 138 1.13 20.25 -10.36
N PHE C 139 -0.18 20.11 -10.26
CA PHE C 139 -0.98 19.24 -11.10
C PHE C 139 -2.18 20.00 -11.69
N ASP C 140 -2.46 19.76 -12.97
CA ASP C 140 -3.69 20.26 -13.61
C ASP C 140 -4.89 19.89 -12.75
N GLY C 141 -5.70 20.88 -12.39
CA GLY C 141 -6.84 20.70 -11.52
C GLY C 141 -8.02 20.00 -12.12
N THR C 142 -8.05 19.88 -13.44
CA THR C 142 -9.12 19.18 -14.13
C THR C 142 -8.72 17.73 -14.45
N LEU C 143 -7.54 17.56 -15.05
CA LEU C 143 -7.07 16.26 -15.55
C LEU C 143 -6.07 15.52 -14.63
N GLY C 144 -5.45 16.21 -13.67
CA GLY C 144 -4.43 15.62 -12.82
C GLY C 144 -3.01 15.62 -13.36
N SER C 145 -2.84 15.87 -14.67
CA SER C 145 -1.52 15.89 -15.30
C SER C 145 -0.50 16.72 -14.53
N CYS C 146 0.68 16.16 -14.25
CA CYS C 146 1.70 16.88 -13.50
C CYS C 146 2.32 17.98 -14.37
N LEU C 147 2.30 19.21 -13.87
CA LEU C 147 2.85 20.35 -14.60
C LEU C 147 4.31 20.66 -14.21
N THR C 148 4.77 20.15 -13.09
CA THR C 148 6.12 20.44 -12.61
C THR C 148 7.20 19.66 -13.36
N GLY C 149 6.80 18.52 -13.90
CA GLY C 149 7.74 17.61 -14.53
C GLY C 149 7.00 16.39 -15.02
N ARG C 150 7.71 15.50 -15.68
CA ARG C 150 7.09 14.39 -16.35
C ARG C 150 6.72 13.24 -15.38
N MET C 151 5.47 12.81 -15.44
CA MET C 151 4.97 11.65 -14.72
C MET C 151 4.06 10.90 -15.65
N GLN C 152 3.83 9.62 -15.37
CA GLN C 152 3.05 8.75 -16.25
C GLN C 152 2.26 7.67 -15.50
N VAL C 153 1.12 7.28 -16.07
CA VAL C 153 0.30 6.22 -15.51
C VAL C 153 0.89 4.92 -16.01
N MET C 154 1.37 4.11 -15.08
CA MET C 154 2.17 2.93 -15.39
C MET C 154 1.49 1.67 -14.88
N GLY C 155 1.21 0.74 -15.78
CA GLY C 155 0.60 -0.53 -15.42
C GLY C 155 1.61 -1.55 -14.88
N GLY C 156 1.09 -2.59 -14.23
CA GLY C 156 1.90 -3.71 -13.73
C GLY C 156 2.74 -4.44 -14.77
N THR C 157 2.28 -4.36 -16.03
CA THR C 157 2.97 -4.88 -17.19
C THR C 157 4.25 -4.15 -17.54
N GLY C 158 4.44 -2.95 -16.99
CA GLY C 158 5.56 -2.10 -17.37
C GLY C 158 5.26 -1.22 -18.55
N GLU C 159 4.01 -1.24 -19.04
CA GLU C 159 3.59 -0.37 -20.13
CA GLU C 159 3.54 -0.39 -20.14
C GLU C 159 2.87 0.87 -19.58
N GLU C 160 3.13 2.01 -20.21
CA GLU C 160 2.39 3.23 -19.90
C GLU C 160 0.95 3.07 -20.36
N LEU C 161 0.00 3.44 -19.50
CA LEU C 161 -1.41 3.30 -19.80
C LEU C 161 -1.92 4.61 -20.35
N ASP C 162 -2.84 4.55 -21.31
CA ASP C 162 -3.51 5.76 -21.82
C ASP C 162 -4.75 6.04 -20.96
N VAL C 163 -4.53 6.77 -19.88
CA VAL C 163 -5.58 7.11 -18.92
C VAL C 163 -5.26 8.49 -18.42
N THR C 164 -6.30 9.27 -18.11
CA THR C 164 -6.14 10.57 -17.52
C THR C 164 -5.89 10.36 -16.02
N PRO C 165 -4.86 11.00 -15.45
CA PRO C 165 -4.55 10.86 -14.03
C PRO C 165 -5.46 11.68 -13.08
N THR C 166 -6.77 11.65 -13.33
CA THR C 166 -7.76 12.30 -12.45
C THR C 166 -7.84 11.63 -11.09
N PHE C 167 -7.51 10.34 -11.05
CA PHE C 167 -7.54 9.55 -9.81
C PHE C 167 -6.62 10.02 -8.67
N ILE C 168 -5.68 10.94 -8.93
CA ILE C 168 -4.91 11.58 -7.84
C ILE C 168 -5.55 12.83 -7.22
N LEU C 169 -6.60 13.37 -7.86
CA LEU C 169 -7.21 14.62 -7.42
C LEU C 169 -8.03 14.39 -6.15
N PRO C 170 -7.82 15.21 -5.12
CA PRO C 170 -8.48 14.94 -3.85
C PRO C 170 -9.97 15.23 -3.86
N THR C 171 -10.34 16.47 -4.21
CA THR C 171 -11.75 16.88 -4.17
C THR C 171 -12.19 17.26 -5.57
N SER C 172 -13.44 16.93 -5.90
CA SER C 172 -14.03 17.28 -7.18
C SER C 172 -14.30 18.79 -7.29
N ASP C 173 -14.66 19.43 -6.17
CA ASP C 173 -15.04 20.84 -6.17
C ASP C 173 -13.89 21.84 -5.84
N LYS C 174 -12.65 21.38 -5.84
CA LYS C 174 -11.45 22.25 -5.71
C LYS C 174 -11.32 23.05 -4.40
N SER C 175 -11.90 22.54 -3.32
CA SER C 175 -11.68 23.07 -1.97
C SER C 175 -11.11 21.92 -1.14
N VAL C 176 -9.91 22.11 -0.60
CA VAL C 176 -9.25 21.11 0.24
C VAL C 176 -8.11 21.79 0.98
N TYR C 177 -7.94 21.45 2.26
CA TYR C 177 -6.76 21.85 3.03
C TYR C 177 -6.38 20.74 4.01
N LYS C 178 -5.81 19.68 3.45
CA LYS C 178 -5.20 18.58 4.22
C LYS C 178 -3.73 18.93 4.43
N GLN C 179 -3.29 18.96 5.67
CA GLN C 179 -1.89 19.17 5.99
C GLN C 179 -1.47 18.35 7.22
N GLY C 180 -0.19 17.99 7.28
CA GLY C 180 0.36 17.28 8.42
C GLY C 180 1.87 17.21 8.29
N PHE C 181 2.49 16.50 9.23
CA PHE C 181 3.92 16.31 9.23
C PHE C 181 4.21 14.82 9.33
N MET C 182 5.34 14.42 8.75
CA MET C 182 5.91 13.06 8.90
C MET C 182 7.33 13.13 9.43
N PRO C 183 7.72 12.16 10.29
CA PRO C 183 9.12 12.09 10.66
C PRO C 183 9.91 11.58 9.46
N ILE C 184 11.14 12.07 9.29
CA ILE C 184 12.05 11.62 8.21
C ILE C 184 13.47 11.53 8.76
N VAL C 185 14.33 10.81 8.06
CA VAL C 185 15.75 10.75 8.41
C VAL C 185 16.56 11.16 7.20
N CYS C 186 17.34 12.22 7.37
CA CYS C 186 18.29 12.63 6.34
C CYS C 186 19.55 11.79 6.48
N SER C 187 20.06 11.32 5.35
CA SER C 187 21.30 10.59 5.28
C SER C 187 22.08 11.04 4.05
N GLU C 188 23.32 10.57 3.94
CA GLU C 188 24.11 10.71 2.70
C GLU C 188 25.12 9.57 2.55
N ASN C 189 25.09 8.93 1.38
CA ASN C 189 25.97 7.78 1.09
C ASN C 189 25.88 6.74 2.19
N GLY C 190 24.67 6.47 2.67
CA GLY C 190 24.42 5.42 3.65
C GLY C 190 24.81 5.73 5.07
N GLU C 191 25.20 6.98 5.34
CA GLU C 191 25.51 7.44 6.69
CA GLU C 191 25.51 7.44 6.69
C GLU C 191 24.37 8.31 7.20
N PHE C 192 23.96 8.08 8.45
CA PHE C 192 22.95 8.89 9.13
C PHE C 192 23.44 10.32 9.29
N LYS C 193 22.54 11.29 9.06
CA LYS C 193 22.80 12.72 9.33
C LYS C 193 21.89 13.34 10.36
N GLN C 194 20.57 13.17 10.21
CA GLN C 194 19.64 13.83 11.15
C GLN C 194 18.25 13.18 11.18
N SER C 195 17.68 13.04 12.38
CA SER C 195 16.25 12.72 12.58
C SER C 195 15.49 14.03 12.59
N THR C 196 14.55 14.18 11.66
CA THR C 196 13.87 15.46 11.52
C THR C 196 12.45 15.28 10.98
N TYR C 197 11.93 16.28 10.27
CA TYR C 197 10.53 16.21 9.85
C TYR C 197 10.30 16.94 8.54
N CYS C 198 9.16 16.64 7.92
CA CYS C 198 8.76 17.18 6.65
C CYS C 198 7.25 17.32 6.66
N SER C 199 6.76 18.51 6.30
CA SER C 199 5.34 18.75 6.23
C SER C 199 4.83 18.44 4.84
N TYR C 200 3.53 18.18 4.76
CA TYR C 200 2.86 18.08 3.48
C TYR C 200 1.58 18.89 3.57
N ALA C 201 1.16 19.43 2.44
CA ALA C 201 -0.04 20.25 2.35
C ALA C 201 -0.64 20.08 0.97
N LEU C 202 -1.93 19.75 0.93
CA LEU C 202 -2.68 19.65 -0.29
C LEU C 202 -3.58 20.89 -0.35
N THR C 203 -3.43 21.66 -1.41
CA THR C 203 -4.22 22.87 -1.65
C THR C 203 -4.58 23.00 -3.14
N TYR C 204 -5.52 23.87 -3.45
CA TYR C 204 -5.75 24.33 -4.83
C TYR C 204 -5.40 25.82 -4.89
N ARG C 205 -4.83 26.24 -6.02
CA ARG C 205 -4.55 27.63 -6.31
C ARG C 205 -4.72 27.88 -7.79
N LEU C 206 -5.51 28.89 -8.12
CA LEU C 206 -5.74 29.28 -9.51
C LEU C 206 -6.24 28.07 -10.31
N GLY C 207 -7.13 27.28 -9.72
CA GLY C 207 -7.67 26.09 -10.36
C GLY C 207 -6.80 24.83 -10.47
N ASN C 208 -5.54 24.88 -10.02
CA ASN C 208 -4.63 23.72 -10.05
C ASN C 208 -4.37 23.10 -8.67
N PHE C 209 -4.01 21.81 -8.67
CA PHE C 209 -3.81 21.01 -7.45
C PHE C 209 -2.33 21.02 -7.08
N TYR C 210 -2.04 21.41 -5.84
CA TYR C 210 -0.67 21.46 -5.33
C TYR C 210 -0.44 20.47 -4.19
N ILE C 211 0.72 19.82 -4.22
CA ILE C 211 1.26 19.08 -3.08
C ILE C 211 2.53 19.79 -2.70
N THR C 212 2.53 20.47 -1.56
CA THR C 212 3.69 21.23 -1.10
C THR C 212 4.32 20.53 0.08
N LEU C 213 5.62 20.23 -0.02
CA LEU C 213 6.41 19.55 1.02
C LEU C 213 7.49 20.49 1.55
N LYS C 214 7.64 20.55 2.89
CA LYS C 214 8.63 21.40 3.52
C LYS C 214 9.49 20.62 4.50
N SER C 215 10.71 20.31 4.06
CA SER C 215 11.68 19.58 4.86
C SER C 215 12.54 20.55 5.64
N THR C 216 12.83 20.21 6.89
CA THR C 216 13.62 21.05 7.78
C THR C 216 14.91 20.33 8.16
N THR C 217 16.04 20.99 7.87
CA THR C 217 17.37 20.41 8.06
C THR C 217 18.27 21.31 8.89
N SER C 218 19.34 20.70 9.41
CA SER C 218 20.39 21.40 10.16
CA SER C 218 20.37 21.38 10.18
C SER C 218 21.74 20.82 9.79
N GLY C 219 22.44 21.53 8.91
CA GLY C 219 23.77 21.14 8.43
C GLY C 219 23.87 19.82 7.67
N CYS C 220 22.84 19.48 6.91
CA CYS C 220 22.88 18.30 6.05
C CYS C 220 22.07 18.59 4.79
N LYS C 221 22.32 17.80 3.75
CA LYS C 221 21.53 17.89 2.53
C LYS C 221 20.14 17.30 2.79
N PRO C 222 19.08 17.92 2.22
CA PRO C 222 17.77 17.28 2.31
C PRO C 222 17.69 16.02 1.43
N ILE C 223 18.06 14.88 2.04
CA ILE C 223 18.01 13.56 1.40
C ILE C 223 17.19 12.56 2.25
N PHE C 224 16.00 12.23 1.78
CA PHE C 224 15.05 11.40 2.53
C PHE C 224 14.01 10.79 1.63
N GLN C 225 13.36 9.71 2.11
CA GLN C 225 12.09 9.22 1.54
C GLN C 225 10.98 9.48 2.57
N MET C 226 9.80 9.85 2.07
CA MET C 226 8.62 10.03 2.91
C MET C 226 7.35 9.60 2.18
N SER C 227 6.38 9.15 2.96
CA SER C 227 5.10 8.76 2.42
CA SER C 227 5.09 8.70 2.45
C SER C 227 3.98 9.34 3.28
N PHE C 228 2.83 9.55 2.67
CA PHE C 228 1.61 9.85 3.42
C PHE C 228 0.42 9.40 2.59
N MET C 229 -0.73 9.34 3.23
CA MET C 229 -1.94 8.92 2.56
C MET C 229 -2.99 9.99 2.59
N TYR C 230 -3.78 10.05 1.53
CA TYR C 230 -4.92 10.94 1.51
C TYR C 230 -6.06 10.32 0.69
N GLU C 231 -7.22 10.93 0.75
CA GLU C 231 -8.43 10.38 0.17
C GLU C 231 -8.79 11.17 -1.11
N SER C 232 -9.10 10.44 -2.18
CA SER C 232 -9.64 11.03 -3.41
C SER C 232 -11.13 10.77 -3.47
N GLN C 233 -11.90 11.84 -3.65
CA GLN C 233 -13.35 11.70 -3.84
C GLN C 233 -13.76 11.50 -5.31
N ILE C 234 -12.77 11.33 -6.19
CA ILE C 234 -13.02 11.05 -7.60
C ILE C 234 -13.10 9.54 -7.78
N GLY C 235 -14.30 9.07 -8.09
CA GLY C 235 -14.51 7.65 -8.35
C GLY C 235 -13.90 7.29 -9.68
N ILE C 236 -13.39 6.06 -9.77
CA ILE C 236 -12.98 5.48 -11.04
C ILE C 236 -14.17 4.68 -11.53
N VAL C 237 -14.76 5.10 -12.65
CA VAL C 237 -16.05 4.57 -13.12
C VAL C 237 -16.00 4.18 -14.59
C1 NAG D . -3.86 14.11 31.28
C2 NAG D . -3.76 14.63 29.85
C3 NAG D . -4.32 13.53 28.96
C4 NAG D . -3.63 12.21 29.23
C5 NAG D . -3.56 11.89 30.74
C6 NAG D . -2.84 10.61 31.18
C7 NAG D . -3.98 17.10 29.80
C8 NAG D . -5.01 18.21 29.80
N2 NAG D . -4.50 15.87 29.75
O1 NAG D . -3.43 15.06 32.18
O3 NAG D . -4.28 13.91 27.59
O4 NAG D . -4.44 11.24 28.59
O5 NAG D . -2.98 13.00 31.41
O6 NAG D . -1.48 10.64 30.76
O7 NAG D . -2.78 17.35 29.87
S SO4 E . -4.14 21.15 11.86
O1 SO4 E . -2.87 20.41 11.67
O2 SO4 E . -5.27 20.23 12.02
O3 SO4 E . -4.10 22.00 13.06
O4 SO4 E . -4.33 21.97 10.65
S SO4 F . -2.70 -20.32 -15.72
O1 SO4 F . -2.66 -21.77 -15.95
O2 SO4 F . -1.71 -19.93 -14.69
O3 SO4 F . -2.36 -19.60 -16.98
O4 SO4 F . -4.08 -19.99 -15.30
S SO4 G . -20.44 -2.33 8.72
O1 SO4 G . -20.50 -1.65 10.04
O2 SO4 G . -20.05 -3.76 8.86
O3 SO4 G . -19.49 -1.60 7.90
O4 SO4 G . -21.78 -2.27 8.10
C1 NAG H . 27.29 -4.78 19.74
C2 NAG H . 25.78 -5.08 19.71
C3 NAG H . 25.35 -5.55 18.31
C4 NAG H . 25.88 -4.66 17.16
C5 NAG H . 27.41 -4.38 17.37
C6 NAG H . 28.09 -3.49 16.33
C7 NAG H . 25.24 -5.84 22.02
C8 NAG H . 24.74 -7.00 22.84
N2 NAG H . 25.39 -6.08 20.72
O1 NAG H . 27.65 -4.18 20.98
O3 NAG H . 23.92 -5.64 18.31
O4 NAG H . 25.64 -5.31 15.89
O5 NAG H . 27.65 -3.87 18.69
O6 NAG H . 27.48 -2.21 16.33
O7 NAG H . 25.47 -4.75 22.54
S SO4 I . 29.15 -20.28 12.86
O1 SO4 I . 30.26 -20.62 11.98
O2 SO4 I . 28.90 -21.40 13.76
O3 SO4 I . 29.41 -19.10 13.67
O4 SO4 I . 27.95 -20.14 12.02
S SO4 J . 5.46 -18.47 -13.49
O1 SO4 J . 4.07 -18.94 -13.46
O2 SO4 J . 6.23 -19.33 -12.54
O3 SO4 J . 5.55 -17.07 -13.03
O4 SO4 J . 6.02 -18.63 -14.86
S SO4 K . 16.93 -21.18 15.08
O1 SO4 K . 15.51 -20.91 14.83
O2 SO4 K . 17.07 -22.41 15.85
O3 SO4 K . 17.53 -20.01 15.74
O4 SO4 K . 17.62 -21.40 13.79
S SO4 L . 29.61 -8.31 -8.58
O1 SO4 L . 29.74 -9.47 -9.48
O2 SO4 L . 29.58 -8.79 -7.18
O3 SO4 L . 30.77 -7.42 -8.77
O4 SO4 L . 28.40 -7.52 -8.89
S SO4 M . 3.54 3.24 4.31
O1 SO4 M . 3.72 1.76 4.33
O2 SO4 M . 4.34 3.85 5.40
O3 SO4 M . 4.00 3.78 3.01
O4 SO4 M . 2.12 3.55 4.51
C1 GOL N . 27.81 -5.49 12.40
O1 GOL N . 26.57 -4.83 11.98
C2 GOL N . 27.71 -7.02 12.47
O2 GOL N . 26.61 -7.51 11.69
C3 GOL N . 29.00 -7.68 11.95
O3 GOL N . 28.88 -9.11 11.89
C1 NAG O . 18.39 28.89 4.12
C2 NAG O . 18.67 27.49 3.58
C3 NAG O . 17.52 26.98 2.71
C4 NAG O . 16.15 27.21 3.36
C5 NAG O . 16.04 28.65 3.85
C6 NAG O . 14.74 28.96 4.60
C7 NAG O . 21.11 27.13 3.37
C8 NAG O . 22.25 27.02 2.41
N2 NAG O . 19.92 27.42 2.83
O1 NAG O . 19.30 29.14 5.18
O3 NAG O . 17.76 25.59 2.43
O4 NAG O . 15.14 26.95 2.37
O5 NAG O . 17.11 28.97 4.73
O6 NAG O . 14.78 28.39 5.90
O7 NAG O . 21.28 26.95 4.55
S SO4 P . -22.23 -11.13 -5.93
O1 SO4 P . -21.85 -12.36 -6.65
O2 SO4 P . -21.47 -11.01 -4.65
O3 SO4 P . -21.99 -9.98 -6.80
O4 SO4 P . -23.66 -11.20 -5.57
S SO4 Q . -24.62 -26.22 -18.43
O1 SO4 Q . -24.50 -27.60 -17.87
O2 SO4 Q . -24.65 -25.27 -17.30
O3 SO4 Q . -23.46 -25.93 -19.29
O4 SO4 Q . -25.81 -26.06 -19.28
S SO4 R . -22.03 -4.16 -11.15
O1 SO4 R . -23.28 -4.67 -10.54
O2 SO4 R . -20.88 -4.75 -10.40
O3 SO4 R . -21.99 -2.68 -11.00
O4 SO4 R . -21.94 -4.51 -12.57
#